data_3QZ6
#
_entry.id   3QZ6
#
_cell.length_a   131.531
_cell.length_b   131.531
_cell.length_c   176.356
_cell.angle_alpha   90.00
_cell.angle_beta   90.00
_cell.angle_gamma   120.00
#
_symmetry.space_group_name_H-M   'H 3 2'
#
loop_
_entity.id
_entity.type
_entity.pdbx_description
1 polymer 'HpcH/HpaI aldolase'
2 non-polymer 'ZINC ION'
3 water water
#
_entity_poly.entity_id   1
_entity_poly.type   'polypeptide(L)'
_entity_poly.pdbx_seq_one_letter_code
;SNA(MSE)FLKKKLSAGKSVVGT(MSE)LNLVYNPDIVRIYAEAGLDYFIVDCEHAAYTFREINHLVSVAKNAGVSVLVR
IPQVDRAHVQRLLDIGAEGF(MSE)IPGVQSAET(MSE)RETVRLAKYPPLGERGVGGSIVTDFKPVNWAEWVQERNDEI
FI(MSE)AQIEHVKAVEDIDSILAVQGVDAVIFGPRDLSNDLGIIGQTEHPKVYECYEKVYRAADRQGVVKGFFTAADAA
K(MSE)GWAVERGAQ(MSE)LLWSGDVAALQTYTAKGVKTIKELPGFNP
;
_entity_poly.pdbx_strand_id   A
#
loop_
_chem_comp.id
_chem_comp.type
_chem_comp.name
_chem_comp.formula
ZN non-polymer 'ZINC ION' 'Zn 2'
#
# COMPACT_ATOMS: atom_id res chain seq x y z
N ALA A 3 -2.06 2.51 18.59
CA ALA A 3 -0.77 2.56 17.92
C ALA A 3 -0.82 2.05 16.48
N MSE A 4 -1.89 1.35 16.15
CA MSE A 4 -2.05 0.72 14.83
C MSE A 4 -3.49 0.95 14.38
O MSE A 4 -4.42 0.73 15.15
CB MSE A 4 -1.76 -0.77 14.92
CG MSE A 4 -0.38 -1.11 15.45
SE MSE A 4 1.03 -0.83 14.12
CE MSE A 4 0.62 -2.32 12.93
N PHE A 5 -3.68 1.41 13.15
CA PHE A 5 -5.01 1.90 12.73
C PHE A 5 -5.65 1.14 11.56
N LEU A 6 -4.84 0.57 10.68
CA LEU A 6 -5.36 0.07 9.41
C LEU A 6 -6.22 -1.20 9.51
N LYS A 7 -5.67 -2.27 10.09
CA LYS A 7 -6.41 -3.54 10.12
C LYS A 7 -7.68 -3.43 10.96
N LYS A 8 -7.65 -2.58 11.97
CA LYS A 8 -8.81 -2.35 12.81
C LYS A 8 -9.98 -1.85 11.95
N LYS A 9 -9.71 -0.89 11.08
CA LYS A 9 -10.72 -0.39 10.14
C LYS A 9 -11.21 -1.46 9.18
N LEU A 10 -10.26 -2.19 8.59
CA LEU A 10 -10.61 -3.20 7.59
C LEU A 10 -11.44 -4.29 8.26
N SER A 11 -11.04 -4.65 9.47
CA SER A 11 -11.72 -5.70 10.21
C SER A 11 -13.18 -5.31 10.50
N ALA A 12 -13.43 -4.03 10.66
CA ALA A 12 -14.78 -3.54 10.93
C ALA A 12 -15.60 -3.38 9.65
N GLY A 13 -15.02 -3.81 8.53
CA GLY A 13 -15.71 -3.77 7.25
C GLY A 13 -15.67 -2.42 6.55
N LYS A 14 -14.84 -1.50 7.03
CA LYS A 14 -14.77 -0.16 6.47
C LYS A 14 -14.03 -0.11 5.14
N SER A 15 -14.42 0.83 4.30
CA SER A 15 -13.64 1.19 3.13
C SER A 15 -12.59 2.20 3.59
N VAL A 16 -11.36 2.06 3.10
CA VAL A 16 -10.30 3.00 3.50
C VAL A 16 -9.59 3.55 2.28
N VAL A 17 -9.09 4.77 2.41
CA VAL A 17 -8.56 5.50 1.27
C VAL A 17 -7.12 5.94 1.50
N GLY A 18 -6.28 5.68 0.52
CA GLY A 18 -4.86 6.00 0.60
C GLY A 18 -4.36 6.59 -0.70
N THR A 19 -3.11 7.03 -0.69
CA THR A 19 -2.50 7.57 -1.89
C THR A 19 -1.03 7.18 -1.91
N MSE A 20 -0.38 7.31 -3.06
CA MSE A 20 1.05 7.02 -3.17
C MSE A 20 1.88 8.25 -2.78
O MSE A 20 1.46 9.39 -3.02
CB MSE A 20 1.42 6.64 -4.61
CG MSE A 20 0.77 5.34 -5.12
SE MSE A 20 1.40 3.81 -4.12
CE MSE A 20 3.35 4.12 -4.28
N LEU A 21 3.04 8.02 -2.17
CA LEU A 21 3.98 9.10 -1.86
C LEU A 21 5.30 8.83 -2.59
N ASN A 22 5.64 9.67 -3.58
CA ASN A 22 6.84 9.46 -4.38
C ASN A 22 7.85 10.59 -4.31
N LEU A 23 7.36 11.81 -4.05
CA LEU A 23 8.21 12.99 -4.07
C LEU A 23 8.44 13.60 -2.69
N VAL A 24 7.34 14.00 -2.05
CA VAL A 24 7.45 14.81 -0.82
C VAL A 24 8.08 13.99 0.30
N TYR A 25 9.05 14.56 1.02
CA TYR A 25 9.50 13.94 2.27
C TYR A 25 9.36 14.86 3.50
N ASN A 26 8.97 16.10 3.29
CA ASN A 26 8.61 16.97 4.43
C ASN A 26 7.52 16.25 5.22
N PRO A 27 7.80 15.92 6.49
CA PRO A 27 6.86 15.13 7.28
C PRO A 27 5.48 15.78 7.46
N ASP A 28 5.38 17.09 7.24
CA ASP A 28 4.07 17.74 7.31
C ASP A 28 3.12 17.25 6.24
N ILE A 29 3.62 16.55 5.23
CA ILE A 29 2.72 15.94 4.24
C ILE A 29 1.74 15.02 4.97
N VAL A 30 2.17 14.46 6.10
CA VAL A 30 1.31 13.57 6.88
C VAL A 30 0.11 14.32 7.46
N ARG A 31 0.36 15.53 7.95
CA ARG A 31 -0.72 16.33 8.52
C ARG A 31 -1.67 16.82 7.43
N ILE A 32 -1.11 17.12 6.26
CA ILE A 32 -1.94 17.50 5.12
C ILE A 32 -2.85 16.34 4.72
N TYR A 33 -2.27 15.14 4.69
CA TYR A 33 -3.04 13.95 4.31
C TYR A 33 -4.12 13.59 5.34
N ALA A 34 -3.81 13.75 6.62
CA ALA A 34 -4.81 13.51 7.65
C ALA A 34 -5.97 14.47 7.46
N GLU A 35 -5.67 15.75 7.24
CA GLU A 35 -6.70 16.76 7.08
C GLU A 35 -7.53 16.52 5.83
N ALA A 36 -6.90 15.97 4.80
CA ALA A 36 -7.62 15.64 3.57
C ALA A 36 -8.50 14.40 3.69
N GLY A 37 -8.41 13.71 4.82
CA GLY A 37 -9.26 12.56 5.08
C GLY A 37 -8.70 11.22 4.63
N LEU A 38 -7.39 11.15 4.39
CA LEU A 38 -6.77 9.87 4.02
C LEU A 38 -6.59 8.97 5.24
N ASP A 39 -6.80 7.67 5.06
CA ASP A 39 -6.53 6.71 6.13
C ASP A 39 -5.07 6.26 6.16
N TYR A 40 -4.43 6.24 5.00
CA TYR A 40 -3.06 5.72 4.89
C TYR A 40 -2.37 6.31 3.66
N PHE A 41 -1.07 6.10 3.56
CA PHE A 41 -0.38 6.36 2.31
C PHE A 41 0.75 5.38 2.18
N ILE A 42 1.25 5.23 0.96
CA ILE A 42 2.26 4.22 0.70
C ILE A 42 3.52 4.88 0.21
N VAL A 43 4.61 4.72 0.95
CA VAL A 43 5.87 5.29 0.55
C VAL A 43 6.47 4.41 -0.54
N ASP A 44 6.83 5.01 -1.67
CA ASP A 44 7.36 4.23 -2.79
C ASP A 44 8.87 4.04 -2.70
N CYS A 45 9.31 2.97 -2.03
CA CYS A 45 10.75 2.69 -1.96
C CYS A 45 11.19 1.81 -3.11
N GLU A 46 10.26 1.41 -3.96
CA GLU A 46 10.62 0.66 -5.15
C GLU A 46 11.13 1.59 -6.25
N HIS A 47 10.44 2.71 -6.44
CA HIS A 47 10.74 3.58 -7.55
C HIS A 47 11.22 4.98 -7.14
N ALA A 48 11.53 5.17 -5.86
CA ALA A 48 11.99 6.48 -5.39
C ALA A 48 13.06 6.36 -4.32
N ALA A 49 13.56 7.51 -3.85
CA ALA A 49 14.81 7.51 -3.09
C ALA A 49 14.66 7.52 -1.57
N TYR A 50 13.47 7.27 -1.04
CA TYR A 50 13.26 7.48 0.40
C TYR A 50 14.25 6.71 1.27
N THR A 51 14.84 7.36 2.27
CA THR A 51 15.71 6.66 3.22
C THR A 51 14.90 6.16 4.42
N PHE A 52 15.47 5.26 5.22
CA PHE A 52 14.73 4.80 6.37
C PHE A 52 14.54 5.90 7.42
N ARG A 53 15.50 6.84 7.50
CA ARG A 53 15.35 8.00 8.37
C ARG A 53 14.15 8.85 7.93
N GLU A 54 14.04 9.11 6.63
CA GLU A 54 12.90 9.89 6.14
C GLU A 54 11.58 9.20 6.51
N ILE A 55 11.57 7.88 6.43
CA ILE A 55 10.37 7.13 6.75
C ILE A 55 10.07 7.24 8.24
N ASN A 56 11.11 7.15 9.07
CA ASN A 56 10.96 7.35 10.51
C ASN A 56 10.31 8.71 10.78
N HIS A 57 10.79 9.76 10.10
CA HIS A 57 10.20 11.09 10.29
C HIS A 57 8.72 11.12 9.94
N LEU A 58 8.37 10.47 8.82
CA LEU A 58 6.96 10.40 8.42
C LEU A 58 6.16 9.66 9.49
N VAL A 59 6.68 8.52 9.94
CA VAL A 59 5.97 7.69 10.91
C VAL A 59 5.77 8.41 12.24
N SER A 60 6.80 9.14 12.68
CA SER A 60 6.70 9.87 13.94
C SER A 60 5.52 10.84 13.99
N VAL A 61 5.23 11.47 12.85
CA VAL A 61 4.10 12.37 12.76
C VAL A 61 2.81 11.56 12.60
N ALA A 62 2.86 10.51 11.78
CA ALA A 62 1.65 9.72 11.51
C ALA A 62 1.10 9.00 12.74
N LYS A 63 1.98 8.57 13.63
CA LYS A 63 1.57 7.74 14.75
C LYS A 63 0.55 8.46 15.61
N ASN A 64 0.72 9.76 15.80
CA ASN A 64 -0.24 10.52 16.60
C ASN A 64 -1.29 11.25 15.77
N ALA A 65 -1.21 11.11 14.46
CA ALA A 65 -2.17 11.77 13.57
C ALA A 65 -3.26 10.80 13.14
N GLY A 66 -3.10 9.53 13.49
CA GLY A 66 -4.07 8.52 13.13
C GLY A 66 -4.00 8.11 11.67
N VAL A 67 -2.83 8.26 11.06
CA VAL A 67 -2.65 7.87 9.67
C VAL A 67 -1.68 6.68 9.62
N SER A 68 -1.98 5.69 8.79
CA SER A 68 -1.13 4.51 8.70
C SER A 68 -0.12 4.67 7.57
N VAL A 69 1.12 4.26 7.80
CA VAL A 69 2.14 4.36 6.77
C VAL A 69 2.48 2.95 6.27
N LEU A 70 2.29 2.71 4.98
CA LEU A 70 2.73 1.45 4.39
C LEU A 70 3.95 1.76 3.53
N VAL A 71 4.75 0.75 3.23
CA VAL A 71 5.89 0.96 2.36
C VAL A 71 5.89 -0.07 1.22
N ARG A 72 6.14 0.40 0.01
CA ARG A 72 6.32 -0.50 -1.14
C ARG A 72 7.83 -0.75 -1.22
N ILE A 73 8.25 -1.95 -0.89
CA ILE A 73 9.68 -2.25 -0.81
C ILE A 73 10.16 -2.89 -2.10
N PRO A 74 11.43 -2.67 -2.47
CA PRO A 74 11.94 -3.17 -3.75
C PRO A 74 12.21 -4.67 -3.78
N GLN A 75 12.45 -5.26 -2.62
CA GLN A 75 12.70 -6.70 -2.55
C GLN A 75 12.39 -7.14 -1.14
N VAL A 76 12.11 -8.43 -0.98
CA VAL A 76 11.76 -8.95 0.33
C VAL A 76 13.01 -9.49 1.03
N ASP A 77 13.52 -8.76 2.00
CA ASP A 77 14.58 -9.29 2.84
C ASP A 77 14.46 -8.72 4.24
N ARG A 78 15.29 -9.22 5.15
CA ARG A 78 15.20 -8.85 6.55
C ARG A 78 15.49 -7.38 6.75
N ALA A 79 16.48 -6.87 6.02
CA ALA A 79 16.86 -5.45 6.12
C ALA A 79 15.64 -4.55 5.90
N HIS A 80 14.83 -4.85 4.89
CA HIS A 80 13.64 -4.02 4.66
C HIS A 80 12.53 -4.30 5.65
N VAL A 81 12.18 -5.57 5.80
CA VAL A 81 11.00 -5.91 6.57
C VAL A 81 11.17 -5.66 8.07
N GLN A 82 12.27 -6.15 8.63
CA GLN A 82 12.49 -5.99 10.06
C GLN A 82 12.59 -4.50 10.44
N ARG A 83 13.43 -3.76 9.73
CA ARG A 83 13.66 -2.37 10.12
C ARG A 83 12.41 -1.51 9.96
N LEU A 84 11.70 -1.69 8.85
CA LEU A 84 10.57 -0.80 8.59
C LEU A 84 9.43 -1.05 9.58
N LEU A 85 9.19 -2.31 9.93
CA LEU A 85 8.17 -2.60 10.94
C LEU A 85 8.60 -2.06 12.30
N ASP A 86 9.88 -2.20 12.61
CA ASP A 86 10.38 -1.73 13.90
C ASP A 86 10.24 -0.21 13.97
N ILE A 87 10.58 0.45 12.88
CA ILE A 87 10.47 1.91 12.81
C ILE A 87 9.02 2.36 12.99
N GLY A 88 8.07 1.59 12.47
CA GLY A 88 6.67 1.89 12.71
C GLY A 88 5.73 1.90 11.53
N ALA A 89 6.22 1.50 10.36
CA ALA A 89 5.31 1.30 9.24
C ALA A 89 4.35 0.20 9.67
N GLU A 90 3.09 0.30 9.27
CA GLU A 90 2.12 -0.74 9.66
C GLU A 90 2.25 -1.96 8.77
N GLY A 91 2.95 -1.80 7.66
CA GLY A 91 3.12 -2.93 6.77
C GLY A 91 3.52 -2.55 5.37
N PHE A 92 3.23 -3.44 4.43
CA PHE A 92 3.86 -3.39 3.12
C PHE A 92 2.94 -3.64 1.95
N MSE A 93 3.28 -3.04 0.82
CA MSE A 93 2.80 -3.53 -0.45
C MSE A 93 3.99 -4.20 -1.11
O MSE A 93 5.02 -3.56 -1.35
CB MSE A 93 2.28 -2.38 -1.33
CG MSE A 93 1.81 -2.83 -2.71
SE MSE A 93 0.90 -1.40 -3.70
CE MSE A 93 2.41 -0.24 -3.94
N ILE A 94 3.87 -5.50 -1.36
CA ILE A 94 4.94 -6.27 -1.97
C ILE A 94 4.73 -6.29 -3.48
N PRO A 95 5.69 -5.76 -4.24
CA PRO A 95 5.46 -5.58 -5.69
C PRO A 95 5.71 -6.85 -6.49
N GLY A 96 5.03 -6.99 -7.63
CA GLY A 96 5.27 -8.08 -8.55
C GLY A 96 5.27 -9.46 -7.90
N VAL A 97 4.26 -9.76 -7.08
CA VAL A 97 4.25 -11.03 -6.41
C VAL A 97 3.91 -12.13 -7.41
N GLN A 98 4.74 -13.15 -7.50
CA GLN A 98 4.53 -14.19 -8.49
C GLN A 98 4.40 -15.61 -7.93
N SER A 99 4.52 -15.79 -6.62
CA SER A 99 4.43 -17.14 -6.05
C SER A 99 4.09 -17.12 -4.58
N ALA A 100 3.61 -18.26 -4.08
CA ALA A 100 3.32 -18.40 -2.67
C ALA A 100 4.59 -18.17 -1.87
N GLU A 101 5.74 -18.58 -2.42
CA GLU A 101 6.98 -18.53 -1.67
C GLU A 101 7.33 -17.09 -1.25
N THR A 102 7.12 -16.13 -2.15
CA THR A 102 7.39 -14.73 -1.82
C THR A 102 6.56 -14.29 -0.63
N MSE A 103 5.28 -14.70 -0.61
CA MSE A 103 4.40 -14.37 0.51
C MSE A 103 4.82 -15.09 1.79
O MSE A 103 4.79 -14.50 2.88
CB MSE A 103 2.95 -14.71 0.16
CG MSE A 103 2.35 -13.81 -0.90
SE MSE A 103 2.39 -11.90 -0.38
CE MSE A 103 3.96 -11.41 -1.26
N ARG A 104 5.21 -16.35 1.67
CA ARG A 104 5.65 -17.09 2.87
C ARG A 104 6.85 -16.39 3.49
N GLU A 105 7.78 -15.94 2.65
CA GLU A 105 8.98 -15.29 3.13
C GLU A 105 8.68 -13.91 3.72
N THR A 106 7.77 -13.17 3.10
CA THR A 106 7.34 -11.89 3.65
C THR A 106 6.72 -12.08 5.05
N VAL A 107 5.82 -13.05 5.16
CA VAL A 107 5.18 -13.32 6.44
C VAL A 107 6.19 -13.82 7.49
N ARG A 108 7.11 -14.68 7.09
CA ARG A 108 8.14 -15.16 8.03
C ARG A 108 8.94 -14.01 8.63
N LEU A 109 9.26 -13.01 7.81
CA LEU A 109 10.07 -11.89 8.29
C LEU A 109 9.26 -10.89 9.09
N ALA A 110 7.95 -10.86 8.85
CA ALA A 110 7.09 -9.79 9.37
C ALA A 110 6.39 -10.14 10.68
N LYS A 111 6.30 -11.44 10.98
CA LYS A 111 5.54 -11.88 12.15
C LYS A 111 6.46 -12.40 13.25
N TYR A 112 6.14 -12.06 14.49
CA TYR A 112 6.85 -12.60 15.65
C TYR A 112 6.50 -14.08 15.81
N PRO A 113 7.38 -14.84 16.48
CA PRO A 113 7.01 -16.23 16.75
C PRO A 113 5.66 -16.31 17.47
N PRO A 114 4.87 -17.38 17.24
CA PRO A 114 5.18 -18.54 16.40
C PRO A 114 4.75 -18.39 14.93
N LEU A 115 4.21 -17.23 14.56
CA LEU A 115 3.73 -17.05 13.20
C LEU A 115 4.86 -16.70 12.22
N GLY A 116 6.02 -16.35 12.75
CA GLY A 116 7.15 -15.95 11.92
C GLY A 116 8.42 -15.84 12.76
N GLU A 117 9.45 -15.24 12.20
CA GLU A 117 10.75 -15.15 12.85
C GLU A 117 11.23 -13.71 13.03
N ARG A 118 10.29 -12.77 13.06
CA ARG A 118 10.63 -11.37 13.31
C ARG A 118 11.33 -11.25 14.68
N GLY A 119 12.45 -10.54 14.73
CA GLY A 119 13.16 -10.31 15.98
C GLY A 119 12.47 -9.27 16.84
N VAL A 120 12.53 -9.45 18.16
CA VAL A 120 11.85 -8.57 19.10
C VAL A 120 12.81 -7.50 19.61
N GLY A 121 12.62 -6.26 19.18
CA GLY A 121 13.49 -5.18 19.64
C GLY A 121 12.79 -4.34 20.68
N GLY A 122 13.29 -3.14 20.95
CA GLY A 122 12.68 -2.28 21.95
C GLY A 122 12.62 -0.82 21.49
N SER A 123 12.42 0.08 22.44
CA SER A 123 12.46 1.50 22.13
C SER A 123 11.39 1.87 21.09
N ILE A 124 11.79 2.31 19.89
CA ILE A 124 10.80 2.74 18.91
C ILE A 124 9.81 1.62 18.54
N VAL A 125 10.25 0.37 18.71
CA VAL A 125 9.43 -0.79 18.35
C VAL A 125 8.07 -0.73 19.03
N THR A 126 8.06 -0.31 20.29
CA THR A 126 6.82 -0.23 21.04
C THR A 126 6.41 1.23 21.18
N ASP A 127 6.89 2.07 20.27
CA ASP A 127 6.61 3.52 20.34
C ASP A 127 7.06 4.11 21.67
N PHE A 128 8.15 3.57 22.21
CA PHE A 128 8.79 4.08 23.41
C PHE A 128 7.93 3.91 24.65
N LYS A 129 6.94 3.01 24.59
CA LYS A 129 6.05 2.76 25.71
C LYS A 129 6.30 1.39 26.30
N PRO A 130 6.03 1.23 27.61
CA PRO A 130 6.24 -0.08 28.23
C PRO A 130 5.15 -1.02 27.77
N VAL A 131 5.44 -2.32 27.68
CA VAL A 131 4.44 -3.30 27.26
C VAL A 131 4.54 -4.58 28.08
N ASN A 132 3.47 -5.37 28.05
CA ASN A 132 3.48 -6.75 28.53
C ASN A 132 3.91 -7.61 27.35
N TRP A 133 5.17 -8.05 27.31
CA TRP A 133 5.71 -8.65 26.08
C TRP A 133 4.91 -9.83 25.56
N ALA A 134 4.53 -10.74 26.45
CA ALA A 134 3.86 -11.96 26.04
C ALA A 134 2.58 -11.66 25.30
N GLU A 135 1.81 -10.69 25.80
CA GLU A 135 0.56 -10.29 25.16
C GLU A 135 0.83 -9.42 23.94
N TRP A 136 1.80 -8.52 24.07
CA TRP A 136 2.03 -7.51 23.04
C TRP A 136 2.44 -8.11 21.69
N VAL A 137 3.33 -9.10 21.69
CA VAL A 137 3.74 -9.69 20.42
C VAL A 137 2.56 -10.38 19.71
N GLN A 138 1.65 -10.97 20.48
CA GLN A 138 0.49 -11.64 19.90
C GLN A 138 -0.45 -10.63 19.29
N GLU A 139 -0.72 -9.55 20.02
CA GLU A 139 -1.59 -8.50 19.51
C GLU A 139 -0.98 -7.81 18.29
N ARG A 140 0.31 -7.53 18.33
CA ARG A 140 0.94 -6.85 17.20
C ARG A 140 0.89 -7.73 15.94
N ASN A 141 1.09 -9.03 16.09
CA ASN A 141 1.02 -9.93 14.93
C ASN A 141 -0.32 -9.80 14.21
N ASP A 142 -1.38 -9.52 14.96
CA ASP A 142 -2.71 -9.38 14.37
C ASP A 142 -2.94 -8.05 13.65
N GLU A 143 -2.02 -7.11 13.84
CA GLU A 143 -2.19 -5.76 13.28
C GLU A 143 -1.26 -5.42 12.10
N ILE A 144 -0.18 -6.17 11.96
CA ILE A 144 0.73 -6.03 10.81
C ILE A 144 -0.03 -6.29 9.51
N PHE A 145 0.20 -5.45 8.50
CA PHE A 145 -0.58 -5.50 7.26
C PHE A 145 0.30 -5.93 6.08
N ILE A 146 -0.08 -7.02 5.42
CA ILE A 146 0.69 -7.50 4.27
C ILE A 146 -0.20 -7.50 3.03
N MSE A 147 0.21 -6.80 1.98
CA MSE A 147 -0.62 -6.74 0.78
C MSE A 147 0.18 -7.17 -0.44
O MSE A 147 1.27 -6.65 -0.68
CB MSE A 147 -1.18 -5.33 0.60
CG MSE A 147 -2.02 -5.18 -0.66
SE MSE A 147 -3.12 -3.56 -0.63
CE MSE A 147 -1.68 -2.24 -0.74
N ALA A 148 -0.36 -8.10 -1.22
CA ALA A 148 0.31 -8.55 -2.44
C ALA A 148 -0.09 -7.72 -3.64
N GLN A 149 0.89 -7.20 -4.37
CA GLN A 149 0.59 -6.50 -5.60
C GLN A 149 0.83 -7.41 -6.80
N ILE A 150 -0.19 -7.54 -7.64
CA ILE A 150 -0.15 -8.45 -8.78
C ILE A 150 0.12 -7.70 -10.07
N GLU A 151 1.16 -8.12 -10.80
CA GLU A 151 1.57 -7.42 -12.02
C GLU A 151 1.87 -8.35 -13.18
N HIS A 152 1.66 -9.65 -13.00
CA HIS A 152 2.05 -10.62 -14.03
C HIS A 152 0.89 -11.55 -14.35
N VAL A 153 0.74 -11.89 -15.63
CA VAL A 153 -0.26 -12.86 -16.06
C VAL A 153 -0.09 -14.19 -15.33
N LYS A 154 1.16 -14.57 -15.11
CA LYS A 154 1.48 -15.82 -14.42
C LYS A 154 0.97 -15.80 -12.97
N ALA A 155 1.05 -14.64 -12.33
CA ALA A 155 0.56 -14.51 -10.97
C ALA A 155 -0.96 -14.63 -10.94
N VAL A 156 -1.61 -14.03 -11.93
CA VAL A 156 -3.06 -14.15 -12.05
C VAL A 156 -3.47 -15.62 -12.20
N GLU A 157 -2.75 -16.36 -13.03
CA GLU A 157 -3.04 -17.78 -13.23
C GLU A 157 -2.82 -18.57 -11.96
N ASP A 158 -1.86 -18.16 -11.14
CA ASP A 158 -1.51 -18.89 -9.93
C ASP A 158 -2.05 -18.20 -8.68
N ILE A 159 -3.08 -17.39 -8.85
CA ILE A 159 -3.51 -16.47 -7.79
C ILE A 159 -3.99 -17.18 -6.52
N ASP A 160 -4.70 -18.29 -6.65
CA ASP A 160 -5.21 -18.96 -5.47
C ASP A 160 -4.08 -19.42 -4.53
N SER A 161 -3.01 -19.94 -5.14
CA SER A 161 -1.84 -20.34 -4.37
C SER A 161 -1.20 -19.14 -3.67
N ILE A 162 -1.12 -18.02 -4.36
CA ILE A 162 -0.51 -16.84 -3.75
C ILE A 162 -1.34 -16.34 -2.57
N LEU A 163 -2.65 -16.23 -2.77
CA LEU A 163 -3.53 -15.65 -1.74
C LEU A 163 -3.90 -16.60 -0.60
N ALA A 164 -3.59 -17.88 -0.73
CA ALA A 164 -3.89 -18.85 0.32
C ALA A 164 -2.85 -18.85 1.43
N VAL A 165 -1.72 -18.19 1.21
CA VAL A 165 -0.67 -18.12 2.22
C VAL A 165 -1.20 -17.42 3.46
N GLN A 166 -1.03 -18.05 4.61
CA GLN A 166 -1.46 -17.47 5.87
C GLN A 166 -0.68 -16.18 6.18
N GLY A 167 -1.40 -15.13 6.52
CA GLY A 167 -0.76 -13.84 6.79
C GLY A 167 -0.93 -12.85 5.66
N VAL A 168 -1.46 -13.28 4.52
CA VAL A 168 -1.70 -12.32 3.44
C VAL A 168 -3.02 -11.61 3.69
N ASP A 169 -2.96 -10.30 3.87
CA ASP A 169 -4.16 -9.55 4.27
C ASP A 169 -4.99 -9.07 3.09
N ALA A 170 -4.32 -8.71 2.00
CA ALA A 170 -5.03 -8.03 0.92
C ALA A 170 -4.30 -8.20 -0.40
N VAL A 171 -5.00 -7.92 -1.50
CA VAL A 171 -4.38 -8.00 -2.81
C VAL A 171 -4.71 -6.75 -3.62
N ILE A 172 -3.78 -6.31 -4.45
CA ILE A 172 -3.97 -5.14 -5.27
C ILE A 172 -3.23 -5.34 -6.61
N PHE A 173 -3.35 -4.39 -7.52
CA PHE A 173 -2.74 -4.51 -8.85
C PHE A 173 -1.74 -3.41 -9.14
N GLY A 174 -0.79 -3.70 -10.02
CA GLY A 174 0.07 -2.70 -10.62
C GLY A 174 -0.29 -2.64 -12.09
N PRO A 175 -1.22 -1.76 -12.45
CA PRO A 175 -1.80 -1.80 -13.80
C PRO A 175 -0.80 -1.58 -14.93
N ARG A 176 0.19 -0.72 -14.72
CA ARG A 176 1.14 -0.44 -15.79
C ARG A 176 1.96 -1.67 -16.13
N ASP A 177 2.54 -2.30 -15.12
CA ASP A 177 3.33 -3.52 -15.35
C ASP A 177 2.44 -4.65 -15.87
N LEU A 178 1.24 -4.77 -15.33
CA LEU A 178 0.34 -5.83 -15.77
C LEU A 178 -0.01 -5.64 -17.24
N SER A 179 -0.38 -4.42 -17.61
CA SER A 179 -0.68 -4.14 -19.01
C SER A 179 0.55 -4.45 -19.86
N ASN A 180 1.73 -4.18 -19.32
CA ASN A 180 2.95 -4.53 -20.04
C ASN A 180 3.07 -6.02 -20.25
N ASP A 181 2.76 -6.78 -19.20
CA ASP A 181 2.85 -8.23 -19.28
C ASP A 181 1.83 -8.80 -20.26
N LEU A 182 0.72 -8.08 -20.46
CA LEU A 182 -0.29 -8.49 -21.43
C LEU A 182 0.05 -8.06 -22.85
N GLY A 183 1.20 -7.41 -23.00
CA GLY A 183 1.65 -6.94 -24.30
C GLY A 183 0.97 -5.66 -24.75
N ILE A 184 0.24 -5.00 -23.84
CA ILE A 184 -0.44 -3.75 -24.15
C ILE A 184 -0.06 -2.66 -23.13
N ILE A 185 1.24 -2.45 -22.96
CA ILE A 185 1.72 -1.55 -21.93
C ILE A 185 1.03 -0.18 -22.01
N GLY A 186 0.53 0.29 -20.87
CA GLY A 186 -0.04 1.63 -20.80
C GLY A 186 -1.54 1.68 -21.06
N GLN A 187 -2.08 0.62 -21.66
CA GLN A 187 -3.51 0.57 -21.93
C GLN A 187 -4.21 -0.01 -20.71
N THR A 188 -4.27 0.79 -19.65
CA THR A 188 -4.68 0.28 -18.35
C THR A 188 -6.18 0.19 -18.18
N GLU A 189 -6.93 0.58 -19.21
CA GLU A 189 -8.38 0.46 -19.17
C GLU A 189 -8.87 -0.62 -20.13
N HIS A 190 -7.93 -1.36 -20.71
CA HIS A 190 -8.26 -2.44 -21.65
C HIS A 190 -9.07 -3.55 -20.99
N PRO A 191 -10.03 -4.12 -21.74
CA PRO A 191 -10.85 -5.22 -21.21
C PRO A 191 -10.00 -6.37 -20.67
N LYS A 192 -8.88 -6.69 -21.32
CA LYS A 192 -8.02 -7.78 -20.85
C LYS A 192 -7.49 -7.52 -19.43
N VAL A 193 -7.22 -6.26 -19.13
CA VAL A 193 -6.75 -5.89 -17.81
C VAL A 193 -7.86 -6.14 -16.78
N TYR A 194 -9.07 -5.69 -17.07
CA TYR A 194 -10.20 -5.94 -16.18
C TYR A 194 -10.54 -7.42 -15.99
N GLU A 195 -10.34 -8.23 -17.03
CA GLU A 195 -10.50 -9.68 -16.90
C GLU A 195 -9.57 -10.22 -15.81
N CYS A 196 -8.31 -9.79 -15.84
CA CYS A 196 -7.36 -10.17 -14.80
C CYS A 196 -7.87 -9.76 -13.42
N TYR A 197 -8.30 -8.51 -13.30
CA TYR A 197 -8.79 -8.02 -12.01
C TYR A 197 -9.88 -8.94 -11.49
N GLU A 198 -10.83 -9.27 -12.36
CA GLU A 198 -11.96 -10.10 -11.98
C GLU A 198 -11.50 -11.46 -11.47
N LYS A 199 -10.56 -12.07 -12.18
CA LYS A 199 -10.05 -13.38 -11.80
C LYS A 199 -9.42 -13.30 -10.42
N VAL A 200 -8.66 -12.24 -10.18
CA VAL A 200 -7.99 -12.10 -8.89
C VAL A 200 -9.01 -11.85 -7.77
N TYR A 201 -10.00 -11.02 -8.04
CA TYR A 201 -11.03 -10.75 -7.04
C TYR A 201 -11.79 -12.03 -6.64
N ARG A 202 -12.10 -12.87 -7.62
CA ARG A 202 -12.77 -14.14 -7.29
C ARG A 202 -11.91 -15.00 -6.38
N ALA A 203 -10.60 -15.04 -6.64
CA ALA A 203 -9.70 -15.79 -5.76
C ALA A 203 -9.62 -15.17 -4.37
N ALA A 204 -9.58 -13.84 -4.32
CA ALA A 204 -9.56 -13.15 -3.04
C ALA A 204 -10.80 -13.54 -2.21
N ASP A 205 -11.95 -13.58 -2.86
CA ASP A 205 -13.19 -13.99 -2.19
C ASP A 205 -13.08 -15.41 -1.65
N ARG A 206 -12.58 -16.32 -2.48
CA ARG A 206 -12.40 -17.72 -2.06
C ARG A 206 -11.47 -17.86 -0.87
N GLN A 207 -10.43 -17.02 -0.81
CA GLN A 207 -9.40 -17.16 0.20
C GLN A 207 -9.60 -16.24 1.41
N GLY A 208 -10.65 -15.43 1.39
CA GLY A 208 -10.92 -14.52 2.49
C GLY A 208 -9.90 -13.40 2.61
N VAL A 209 -9.49 -12.87 1.46
CA VAL A 209 -8.47 -11.82 1.39
C VAL A 209 -9.09 -10.49 0.97
N VAL A 210 -8.66 -9.39 1.59
CA VAL A 210 -9.22 -8.08 1.27
C VAL A 210 -8.87 -7.66 -0.16
N LYS A 211 -9.84 -7.06 -0.84
CA LYS A 211 -9.65 -6.62 -2.20
C LYS A 211 -9.22 -5.14 -2.24
N GLY A 212 -8.19 -4.85 -3.02
CA GLY A 212 -7.69 -3.48 -3.15
C GLY A 212 -7.75 -3.07 -4.60
N PHE A 213 -7.64 -1.77 -4.87
CA PHE A 213 -7.62 -1.30 -6.24
C PHE A 213 -6.87 0.01 -6.35
N PHE A 214 -6.04 0.14 -7.37
CA PHE A 214 -5.34 1.38 -7.64
C PHE A 214 -5.85 2.06 -8.90
N THR A 215 -6.18 3.33 -8.79
CA THR A 215 -6.46 4.13 -9.98
C THR A 215 -5.56 5.36 -9.98
N ALA A 216 -4.94 5.62 -11.12
CA ALA A 216 -3.80 6.55 -11.19
C ALA A 216 -4.20 8.00 -11.31
N ALA A 217 -5.36 8.24 -11.91
CA ALA A 217 -5.75 9.61 -12.21
C ALA A 217 -7.15 10.01 -11.72
N ASP A 218 -8.19 9.35 -12.24
CA ASP A 218 -9.55 9.83 -12.03
C ASP A 218 -10.29 9.14 -10.89
N ALA A 219 -10.51 9.88 -9.81
CA ALA A 219 -11.09 9.31 -8.60
C ALA A 219 -12.39 8.55 -8.88
N ALA A 220 -13.18 9.05 -9.82
CA ALA A 220 -14.47 8.41 -10.15
C ALA A 220 -14.30 6.95 -10.60
N LYS A 221 -13.18 6.64 -11.25
CA LYS A 221 -12.93 5.28 -11.71
C LYS A 221 -12.84 4.27 -10.57
N MSE A 222 -12.80 4.76 -9.33
CA MSE A 222 -12.77 3.87 -8.18
C MSE A 222 -14.13 3.18 -7.98
O MSE A 222 -14.24 2.20 -7.25
CB MSE A 222 -12.35 4.61 -6.90
CG MSE A 222 -12.01 3.66 -5.75
SE MSE A 222 -10.22 2.86 -5.93
CE MSE A 222 -9.29 4.56 -5.78
N GLY A 223 -15.17 3.72 -8.60
CA GLY A 223 -16.51 3.16 -8.48
C GLY A 223 -16.53 1.68 -8.79
N TRP A 224 -15.80 1.29 -9.84
CA TRP A 224 -15.72 -0.10 -10.27
C TRP A 224 -15.32 -1.02 -9.12
N ALA A 225 -14.30 -0.61 -8.36
CA ALA A 225 -13.78 -1.44 -7.29
C ALA A 225 -14.72 -1.44 -6.09
N VAL A 226 -15.27 -0.27 -5.80
CA VAL A 226 -16.19 -0.14 -4.66
C VAL A 226 -17.43 -1.02 -4.84
N GLU A 227 -17.98 -1.03 -6.05
CA GLU A 227 -19.10 -1.92 -6.39
C GLU A 227 -18.78 -3.37 -6.05
N ARG A 228 -17.52 -3.74 -6.20
CA ARG A 228 -17.12 -5.13 -6.07
C ARG A 228 -16.59 -5.47 -4.67
N GLY A 229 -16.77 -4.56 -3.72
CA GLY A 229 -16.47 -4.83 -2.33
C GLY A 229 -15.01 -4.60 -1.94
N ALA A 230 -14.27 -3.90 -2.80
CA ALA A 230 -12.88 -3.57 -2.49
C ALA A 230 -12.83 -2.60 -1.30
N GLN A 231 -12.09 -2.95 -0.26
CA GLN A 231 -11.94 -2.04 0.89
C GLN A 231 -10.67 -1.19 0.84
N MSE A 232 -9.62 -1.71 0.19
CA MSE A 232 -8.35 -0.98 0.11
C MSE A 232 -8.32 -0.12 -1.15
O MSE A 232 -8.00 -0.60 -2.23
CB MSE A 232 -7.16 -1.93 0.12
CG MSE A 232 -6.75 -2.41 1.49
SE MSE A 232 -6.04 -0.99 2.63
CE MSE A 232 -4.35 -0.63 1.71
N LEU A 233 -8.66 1.16 -1.01
CA LEU A 233 -8.76 2.04 -2.15
C LEU A 233 -7.54 2.94 -2.21
N LEU A 234 -6.79 2.84 -3.31
CA LEU A 234 -5.54 3.57 -3.49
C LEU A 234 -5.66 4.48 -4.70
N TRP A 235 -5.64 5.79 -4.47
CA TRP A 235 -5.91 6.74 -5.55
C TRP A 235 -4.76 7.73 -5.75
N SER A 236 -4.23 7.75 -6.96
CA SER A 236 -3.27 8.79 -7.38
C SER A 236 -2.05 8.90 -6.46
N GLY A 237 -1.55 10.11 -6.25
CA GLY A 237 -0.35 10.28 -5.45
C GLY A 237 0.10 11.74 -5.43
N ASP A 238 1.09 12.05 -4.60
CA ASP A 238 1.53 13.43 -4.43
C ASP A 238 2.03 14.05 -5.74
N VAL A 239 2.82 13.29 -6.48
CA VAL A 239 3.33 13.81 -7.75
C VAL A 239 2.21 14.17 -8.72
N ALA A 240 1.24 13.27 -8.91
CA ALA A 240 0.13 13.55 -9.83
C ALA A 240 -0.66 14.77 -9.34
N ALA A 241 -0.82 14.87 -8.02
CA ALA A 241 -1.51 16.02 -7.44
C ALA A 241 -0.80 17.31 -7.84
N LEU A 242 0.50 17.37 -7.63
CA LEU A 242 1.27 18.57 -7.95
C LEU A 242 1.28 18.85 -9.45
N GLN A 243 1.45 17.83 -10.28
CA GLN A 243 1.54 18.07 -11.72
C GLN A 243 0.20 18.46 -12.31
N THR A 244 -0.86 17.77 -11.89
CA THR A 244 -2.18 18.00 -12.46
C THR A 244 -2.76 19.34 -12.03
N TYR A 245 -2.82 19.60 -10.74
CA TYR A 245 -3.31 20.88 -10.23
C TYR A 245 -2.50 22.04 -10.79
N THR A 246 -1.18 21.98 -10.69
CA THR A 246 -0.36 23.13 -11.12
C THR A 246 -0.50 23.39 -12.62
N ALA A 247 -0.43 22.35 -13.44
CA ALA A 247 -0.48 22.53 -14.88
C ALA A 247 -1.81 23.15 -15.31
N LYS A 248 -2.90 22.70 -14.68
CA LYS A 248 -4.24 23.20 -15.01
C LYS A 248 -4.37 24.71 -14.80
N GLY A 249 -3.96 25.18 -13.63
CA GLY A 249 -4.05 26.60 -13.32
C GLY A 249 -3.17 27.43 -14.23
N VAL A 250 -1.94 26.98 -14.44
CA VAL A 250 -1.02 27.68 -15.31
C VAL A 250 -1.61 27.83 -16.72
N LYS A 251 -2.20 26.75 -17.22
CA LYS A 251 -2.77 26.75 -18.55
C LYS A 251 -3.93 27.73 -18.64
N THR A 252 -4.79 27.73 -17.62
CA THR A 252 -5.89 28.68 -17.54
C THR A 252 -5.36 30.10 -17.60
N ILE A 253 -4.32 30.38 -16.84
CA ILE A 253 -3.73 31.71 -16.83
C ILE A 253 -3.18 32.09 -18.20
N LYS A 254 -2.45 31.17 -18.82
CA LYS A 254 -1.81 31.49 -20.09
C LYS A 254 -2.83 31.68 -21.21
N GLU A 255 -4.07 31.24 -20.95
CA GLU A 255 -5.14 31.38 -21.92
C GLU A 255 -6.02 32.63 -21.71
N LEU A 256 -5.71 33.42 -20.68
CA LEU A 256 -6.48 34.64 -20.42
C LEU A 256 -6.31 35.66 -21.55
N PRO A 257 -7.38 36.40 -21.87
CA PRO A 257 -7.25 37.45 -22.90
C PRO A 257 -6.26 38.48 -22.40
N GLY A 258 -5.27 38.83 -23.22
CA GLY A 258 -4.29 39.83 -22.82
C GLY A 258 -2.98 39.23 -22.34
N PHE A 259 -2.94 37.92 -22.13
CA PHE A 259 -1.69 37.29 -21.72
C PHE A 259 -0.69 37.42 -22.86
N ASN A 260 0.54 37.82 -22.53
CA ASN A 260 1.56 37.96 -23.56
C ASN A 260 2.64 36.87 -23.42
N PRO A 261 2.53 35.83 -24.25
CA PRO A 261 3.38 34.64 -24.21
C PRO A 261 4.85 34.98 -24.37
ZN ZN B . 9.51 17.68 0.56
#